data_9JR6
#
_entry.id   9JR6
#
_cell.length_a   55.872
_cell.length_b   90.726
_cell.length_c   121.261
_cell.angle_alpha   90.00
_cell.angle_beta   90.00
_cell.angle_gamma   90.00
#
_symmetry.space_group_name_H-M   'P 21 21 21'
#
loop_
_entity.id
_entity.type
_entity.pdbx_description
1 polymer 'Probable solanesyl-diphosphate synthase 3, chloroplastic'
2 non-polymer 'SULFATE ION'
3 non-polymer Aclonifen
4 water water
#
_entity_poly.entity_id   1
_entity_poly.type   'polypeptide(L)'
_entity_poly.pdbx_seq_one_letter_code
;SVSSLLEVVADDLLKLNNNLKSLVGAENPVLVSAAEQIFGAGGKRLRPALVFLVSRATAELAGLLELTTEHQRLAEIIEM
IHTASLIHDDVIDDSGMRRGKETIHQLYGTRVAVLAGDFMFAQSSWFLANLENIEVIKLISQVIKDFASGEIKQASTLFD
CDITLDDYLLKSYYKTASLIAASTRSAAIFSGVSTAICEQMYEYGRNLGLSFQVVDDILDFTQSAEQLGKPAGSDLAKGN
LTAPVIFALQDEPQLREIIDSEFSETNSLATAIELVHRSGGIKRAHELAREKGEIAIQSLQCLPRSEFRSTLENMVKYNL
ERID
;
_entity_poly.pdbx_strand_id   A,B
#
loop_
_chem_comp.id
_chem_comp.type
_chem_comp.name
_chem_comp.formula
A1L38 non-polymer Aclonifen 'C12 H9 Cl N2 O3'
SO4 non-polymer 'SULFATE ION' 'O4 S -2'
#
# COMPACT_ATOMS: atom_id res chain seq x y z
N SER A 1 -17.97 -19.25 -22.86
CA SER A 1 -17.46 -17.96 -23.31
C SER A 1 -17.64 -16.89 -22.23
N VAL A 2 -16.55 -16.19 -21.92
CA VAL A 2 -16.61 -15.14 -20.91
C VAL A 2 -17.51 -14.01 -21.40
N SER A 3 -17.44 -13.68 -22.69
CA SER A 3 -18.27 -12.62 -23.24
C SER A 3 -19.75 -12.99 -23.18
N SER A 4 -20.07 -14.27 -23.40
CA SER A 4 -21.46 -14.71 -23.30
C SER A 4 -21.96 -14.59 -21.87
N LEU A 5 -21.13 -15.00 -20.90
CA LEU A 5 -21.55 -14.96 -19.50
C LEU A 5 -21.80 -13.52 -19.04
N LEU A 6 -20.97 -12.59 -19.48
CA LEU A 6 -20.91 -11.25 -18.89
C LEU A 6 -21.65 -10.19 -19.70
N GLU A 7 -22.45 -10.57 -20.69
CA GLU A 7 -23.00 -9.55 -21.58
C GLU A 7 -24.00 -8.64 -20.88
N VAL A 8 -24.71 -9.15 -19.87
CA VAL A 8 -25.69 -8.30 -19.19
C VAL A 8 -25.03 -7.12 -18.46
N VAL A 9 -23.74 -7.22 -18.15
CA VAL A 9 -23.02 -6.08 -17.60
C VAL A 9 -21.88 -5.64 -18.53
N ALA A 10 -21.96 -6.02 -19.81
CA ALA A 10 -20.87 -5.73 -20.74
C ALA A 10 -20.63 -4.23 -20.87
N ASP A 11 -21.70 -3.44 -20.85
CA ASP A 11 -21.56 -1.99 -20.94
C ASP A 11 -20.89 -1.43 -19.68
N ASP A 12 -21.23 -1.98 -18.51
CA ASP A 12 -20.59 -1.51 -17.29
C ASP A 12 -19.10 -1.82 -17.31
N LEU A 13 -18.72 -2.98 -17.85
CA LEU A 13 -17.30 -3.34 -17.88
C LEU A 13 -16.53 -2.50 -18.89
N LEU A 14 -17.16 -2.18 -20.02
CA LEU A 14 -16.48 -1.35 -21.02
C LEU A 14 -16.17 0.03 -20.45
N LYS A 15 -17.13 0.64 -19.75
CA LYS A 15 -16.87 1.92 -19.11
C LYS A 15 -15.74 1.83 -18.09
N LEU A 16 -15.76 0.80 -17.26
CA LEU A 16 -14.70 0.61 -16.27
C LEU A 16 -13.34 0.50 -16.96
N ASN A 17 -13.24 -0.35 -17.98
CA ASN A 17 -11.95 -0.55 -18.65
C ASN A 17 -11.44 0.76 -19.24
N ASN A 18 -12.34 1.60 -19.76
CA ASN A 18 -11.94 2.92 -20.26
C ASN A 18 -11.33 3.78 -19.16
N ASN A 19 -11.88 3.69 -17.94
CA ASN A 19 -11.49 4.58 -16.85
C ASN A 19 -10.20 4.17 -16.15
N LEU A 20 -9.90 2.85 -16.13
CA LEU A 20 -8.81 2.34 -15.30
C LEU A 20 -7.49 3.04 -15.56
N LYS A 21 -7.24 3.42 -16.81
CA LYS A 21 -5.98 4.06 -17.18
C LYS A 21 -5.79 5.39 -16.46
N SER A 22 -6.81 6.23 -16.42
CA SER A 22 -6.69 7.54 -15.78
C SER A 22 -6.70 7.46 -14.25
N LEU A 23 -7.07 6.32 -13.67
CA LEU A 23 -7.28 6.24 -12.22
C LEU A 23 -5.96 6.20 -11.46
N VAL A 24 -4.84 6.08 -12.16
CA VAL A 24 -3.52 6.23 -11.55
C VAL A 24 -2.97 7.65 -11.73
N GLY A 25 -3.50 8.41 -12.67
CA GLY A 25 -3.03 9.74 -12.95
C GLY A 25 -2.20 9.79 -14.22
N ALA A 26 -1.57 10.94 -14.44
CA ALA A 26 -0.72 11.14 -15.60
C ALA A 26 0.53 11.95 -15.30
N GLU A 27 0.76 12.35 -14.05
CA GLU A 27 1.91 13.17 -13.71
C GLU A 27 3.20 12.37 -13.60
N ASN A 28 3.09 11.06 -13.32
CA ASN A 28 4.23 10.18 -13.06
C ASN A 28 4.35 9.17 -14.20
N PRO A 29 5.20 9.42 -15.20
CA PRO A 29 5.25 8.49 -16.35
C PRO A 29 5.59 7.06 -15.97
N VAL A 30 6.53 6.85 -15.05
CA VAL A 30 6.87 5.48 -14.66
C VAL A 30 5.68 4.81 -13.98
N LEU A 31 4.99 5.53 -13.10
CA LEU A 31 3.81 4.99 -12.45
C LEU A 31 2.73 4.65 -13.46
N VAL A 32 2.46 5.57 -14.38
CA VAL A 32 1.51 5.31 -15.47
C VAL A 32 1.91 4.04 -16.21
N SER A 33 3.21 3.93 -16.54
CA SER A 33 3.65 2.78 -17.32
C SER A 33 3.46 1.48 -16.55
N ALA A 34 3.77 1.49 -15.25
CA ALA A 34 3.61 0.28 -14.46
C ALA A 34 2.15 -0.14 -14.39
N ALA A 35 1.23 0.81 -14.18
CA ALA A 35 -0.19 0.47 -14.10
C ALA A 35 -0.69 -0.10 -15.41
N GLU A 36 -0.35 0.57 -16.52
CA GLU A 36 -0.68 0.08 -17.86
C GLU A 36 -0.21 -1.36 -18.06
N GLN A 37 0.99 -1.68 -17.56
CA GLN A 37 1.55 -3.01 -17.75
C GLN A 37 0.65 -4.12 -17.21
N ILE A 38 -0.06 -3.87 -16.10
CA ILE A 38 -0.96 -4.88 -15.54
C ILE A 38 -2.39 -4.70 -16.04
N PHE A 39 -2.91 -3.47 -16.05
CA PHE A 39 -4.28 -3.26 -16.51
C PHE A 39 -4.46 -3.73 -17.96
N GLY A 40 -3.48 -3.44 -18.81
CA GLY A 40 -3.58 -3.83 -20.20
C GLY A 40 -3.14 -5.24 -20.53
N ALA A 41 -2.91 -6.08 -19.51
CA ALA A 41 -2.32 -7.39 -19.71
C ALA A 41 -3.33 -8.50 -19.93
N GLY A 42 -4.62 -8.23 -19.72
CA GLY A 42 -5.65 -9.18 -20.10
C GLY A 42 -6.44 -9.84 -18.99
N GLY A 43 -6.60 -9.16 -17.84
CA GLY A 43 -7.37 -9.75 -16.75
C GLY A 43 -8.82 -9.95 -17.12
N LYS A 44 -9.46 -10.92 -16.43
CA LYS A 44 -10.84 -11.27 -16.72
C LYS A 44 -11.85 -10.26 -16.18
N ARG A 45 -11.46 -9.44 -15.20
CA ARG A 45 -12.35 -8.44 -14.60
C ARG A 45 -13.57 -9.11 -13.94
N LEU A 46 -13.36 -10.31 -13.41
CA LEU A 46 -14.39 -10.99 -12.64
C LEU A 46 -14.88 -10.14 -11.48
N ARG A 47 -13.96 -9.47 -10.79
CA ARG A 47 -14.37 -8.74 -9.60
C ARG A 47 -15.28 -7.58 -9.95
N PRO A 48 -14.92 -6.69 -10.89
CA PRO A 48 -15.90 -5.68 -11.31
C PRO A 48 -17.19 -6.27 -11.84
N ALA A 49 -17.13 -7.39 -12.55
CA ALA A 49 -18.36 -8.00 -13.05
C ALA A 49 -19.27 -8.43 -11.90
N LEU A 50 -18.69 -9.04 -10.87
CA LEU A 50 -19.49 -9.40 -9.72
C LEU A 50 -20.06 -8.16 -9.03
N VAL A 51 -19.30 -7.06 -9.02
CA VAL A 51 -19.82 -5.87 -8.36
C VAL A 51 -21.01 -5.32 -9.14
N PHE A 52 -20.89 -5.21 -10.46
CA PHE A 52 -22.01 -4.72 -11.26
C PHE A 52 -23.24 -5.62 -11.13
N LEU A 53 -23.06 -6.94 -11.21
CA LEU A 53 -24.20 -7.85 -11.14
C LEU A 53 -24.93 -7.71 -9.82
N VAL A 54 -24.20 -7.74 -8.70
CA VAL A 54 -24.86 -7.64 -7.40
C VAL A 54 -25.43 -6.25 -7.22
N SER A 55 -24.72 -5.22 -7.71
CA SER A 55 -25.23 -3.86 -7.66
C SER A 55 -26.60 -3.76 -8.33
N ARG A 56 -26.70 -4.28 -9.56
CA ARG A 56 -27.94 -4.18 -10.31
C ARG A 56 -29.05 -5.05 -9.71
N ALA A 57 -28.71 -6.24 -9.22
CA ALA A 57 -29.72 -7.08 -8.58
C ALA A 57 -30.29 -6.41 -7.35
N THR A 58 -29.41 -5.89 -6.48
CA THR A 58 -29.86 -5.28 -5.23
C THR A 58 -30.53 -3.94 -5.49
N ALA A 59 -30.02 -3.18 -6.45
CA ALA A 59 -30.66 -1.90 -6.81
C ALA A 59 -32.09 -2.12 -7.28
N GLU A 60 -32.30 -3.10 -8.16
CA GLU A 60 -33.64 -3.48 -8.58
C GLU A 60 -34.51 -3.84 -7.38
N LEU A 61 -34.01 -4.71 -6.51
CA LEU A 61 -34.76 -5.10 -5.32
C LEU A 61 -35.13 -3.87 -4.48
N ALA A 62 -34.23 -2.90 -4.40
CA ALA A 62 -34.42 -1.75 -3.52
C ALA A 62 -35.28 -0.67 -4.15
N GLY A 63 -35.59 -0.78 -5.44
CA GLY A 63 -36.39 0.23 -6.10
C GLY A 63 -35.60 1.32 -6.80
N LEU A 64 -34.27 1.28 -6.75
CA LEU A 64 -33.47 2.20 -7.54
C LEU A 64 -33.72 1.96 -9.02
N LEU A 65 -33.63 3.03 -9.80
CA LEU A 65 -33.90 2.97 -11.23
C LEU A 65 -32.64 2.99 -12.08
N GLU A 66 -31.48 3.25 -11.47
CA GLU A 66 -30.23 3.24 -12.21
C GLU A 66 -29.09 3.02 -11.21
N LEU A 67 -27.96 2.56 -11.74
CA LEU A 67 -26.79 2.38 -10.90
C LEU A 67 -26.26 3.73 -10.43
N THR A 68 -25.91 3.80 -9.15
CA THR A 68 -25.32 5.00 -8.61
C THR A 68 -23.87 5.11 -9.02
N THR A 69 -23.33 6.34 -8.92
CA THR A 69 -21.91 6.52 -9.18
C THR A 69 -21.06 5.76 -8.15
N GLU A 70 -21.57 5.57 -6.94
CA GLU A 70 -20.86 4.78 -5.94
C GLU A 70 -20.67 3.34 -6.41
N HIS A 71 -21.76 2.69 -6.87
CA HIS A 71 -21.64 1.37 -7.50
C HIS A 71 -20.54 1.37 -8.55
N GLN A 72 -20.54 2.38 -9.43
CA GLN A 72 -19.55 2.40 -10.50
C GLN A 72 -18.14 2.56 -9.96
N ARG A 73 -17.96 3.48 -9.01
CA ARG A 73 -16.61 3.69 -8.46
C ARG A 73 -16.16 2.47 -7.67
N LEU A 74 -17.07 1.84 -6.94
CA LEU A 74 -16.74 0.64 -6.19
C LEU A 74 -16.10 -0.43 -7.07
N ALA A 75 -16.63 -0.62 -8.28
CA ALA A 75 -16.08 -1.66 -9.14
C ALA A 75 -14.65 -1.35 -9.54
N GLU A 76 -14.36 -0.07 -9.83
CA GLU A 76 -12.99 0.34 -10.10
C GLU A 76 -12.10 0.14 -8.87
N ILE A 77 -12.59 0.53 -7.69
CA ILE A 77 -11.79 0.41 -6.48
C ILE A 77 -11.41 -1.05 -6.23
N ILE A 78 -12.36 -1.97 -6.44
CA ILE A 78 -12.08 -3.38 -6.18
C ILE A 78 -11.03 -3.90 -7.15
N GLU A 79 -11.16 -3.56 -8.43
CA GLU A 79 -10.13 -3.98 -9.38
C GLU A 79 -8.77 -3.36 -9.05
N MET A 80 -8.77 -2.14 -8.51
CA MET A 80 -7.50 -1.50 -8.13
C MET A 80 -6.86 -2.21 -6.95
N ILE A 81 -7.64 -2.58 -5.94
CA ILE A 81 -7.08 -3.30 -4.80
C ILE A 81 -6.52 -4.64 -5.26
N HIS A 82 -7.28 -5.34 -6.11
CA HIS A 82 -6.80 -6.58 -6.69
C HIS A 82 -5.49 -6.37 -7.43
N THR A 83 -5.37 -5.27 -8.17
CA THR A 83 -4.15 -5.00 -8.94
C THR A 83 -2.97 -4.70 -8.03
N ALA A 84 -3.17 -3.88 -6.99
CA ALA A 84 -2.09 -3.62 -6.05
C ALA A 84 -1.64 -4.92 -5.39
N SER A 85 -2.60 -5.77 -5.00
CA SER A 85 -2.25 -7.07 -4.42
C SER A 85 -1.40 -7.90 -5.39
N LEU A 86 -1.79 -7.98 -6.67
CA LEU A 86 -1.03 -8.75 -7.63
C LEU A 86 0.40 -8.24 -7.76
N ILE A 87 0.58 -6.92 -7.75
CA ILE A 87 1.92 -6.35 -7.90
C ILE A 87 2.80 -6.79 -6.74
N HIS A 88 2.29 -6.72 -5.52
CA HIS A 88 3.09 -7.13 -4.37
C HIS A 88 3.25 -8.65 -4.33
N ASP A 89 2.19 -9.40 -4.69
CA ASP A 89 2.32 -10.86 -4.72
C ASP A 89 3.42 -11.31 -5.68
N ASP A 90 3.53 -10.64 -6.83
CA ASP A 90 4.59 -10.98 -7.78
C ASP A 90 5.97 -10.67 -7.21
N VAL A 91 6.11 -9.54 -6.49
CA VAL A 91 7.38 -9.25 -5.81
C VAL A 91 7.70 -10.36 -4.81
N ILE A 92 6.72 -10.70 -3.96
CA ILE A 92 6.91 -11.68 -2.89
C ILE A 92 7.28 -13.04 -3.46
N ASP A 93 6.72 -13.37 -4.63
CA ASP A 93 6.93 -14.63 -5.35
C ASP A 93 8.17 -14.63 -6.24
N ASP A 94 8.75 -13.47 -6.51
CA ASP A 94 9.64 -13.26 -7.66
C ASP A 94 9.11 -13.95 -8.92
N SER A 95 7.84 -13.72 -9.21
CA SER A 95 7.32 -14.13 -10.51
C SER A 95 7.88 -13.21 -11.59
N GLY A 96 8.43 -13.81 -12.66
CA GLY A 96 9.03 -13.03 -13.72
C GLY A 96 8.03 -12.59 -14.77
N MET A 97 6.92 -13.30 -14.85
CA MET A 97 5.90 -13.09 -15.87
C MET A 97 4.53 -13.03 -15.24
N ARG A 98 3.63 -12.26 -15.86
CA ARG A 98 2.23 -12.23 -15.46
C ARG A 98 1.39 -11.95 -16.70
N ARG A 99 0.51 -12.89 -17.04
CA ARG A 99 -0.25 -12.93 -18.28
C ARG A 99 0.50 -12.37 -19.49
N GLY A 100 1.54 -13.09 -19.92
CA GLY A 100 2.25 -12.76 -21.14
C GLY A 100 3.28 -11.66 -20.99
N LYS A 101 3.08 -10.73 -20.07
CA LYS A 101 3.94 -9.58 -19.92
C LYS A 101 4.88 -9.73 -18.72
N GLU A 102 5.98 -8.99 -18.79
CA GLU A 102 6.92 -8.96 -17.68
C GLU A 102 6.31 -8.21 -16.49
N THR A 103 6.63 -8.69 -15.30
CA THR A 103 6.11 -8.07 -14.10
C THR A 103 6.74 -6.70 -13.89
N ILE A 104 6.04 -5.85 -13.11
CA ILE A 104 6.53 -4.50 -12.82
C ILE A 104 7.93 -4.55 -12.23
N HIS A 105 8.19 -5.50 -11.34
CA HIS A 105 9.51 -5.49 -10.72
C HIS A 105 10.59 -5.96 -11.68
N GLN A 106 10.24 -6.76 -12.68
CA GLN A 106 11.21 -7.11 -13.71
C GLN A 106 11.63 -5.88 -14.51
N LEU A 107 10.68 -4.99 -14.79
CA LEU A 107 10.99 -3.81 -15.58
C LEU A 107 11.66 -2.72 -14.74
N TYR A 108 11.20 -2.48 -13.50
CA TYR A 108 11.70 -1.32 -12.77
C TYR A 108 12.42 -1.66 -11.47
N GLY A 109 12.54 -2.93 -11.13
CA GLY A 109 13.15 -3.30 -9.87
C GLY A 109 12.13 -3.45 -8.77
N THR A 110 12.50 -4.19 -7.73
CA THR A 110 11.53 -4.51 -6.69
C THR A 110 11.06 -3.27 -5.95
N ARG A 111 11.93 -2.29 -5.75
CA ARG A 111 11.56 -1.11 -4.97
C ARG A 111 10.47 -0.32 -5.66
N VAL A 112 10.63 -0.04 -6.96
CA VAL A 112 9.61 0.71 -7.67
C VAL A 112 8.29 -0.07 -7.74
N ALA A 113 8.36 -1.40 -7.91
CA ALA A 113 7.15 -2.21 -7.92
C ALA A 113 6.43 -2.12 -6.58
N VAL A 114 7.18 -2.19 -5.48
CA VAL A 114 6.58 -2.05 -4.15
C VAL A 114 5.90 -0.69 -4.02
N LEU A 115 6.59 0.39 -4.40
CA LEU A 115 6.01 1.72 -4.29
C LEU A 115 4.80 1.89 -5.22
N ALA A 116 4.83 1.25 -6.39
CA ALA A 116 3.67 1.33 -7.27
C ALA A 116 2.46 0.67 -6.61
N GLY A 117 2.64 -0.51 -6.03
CA GLY A 117 1.54 -1.13 -5.33
C GLY A 117 1.06 -0.29 -4.17
N ASP A 118 2.00 0.32 -3.44
CA ASP A 118 1.64 1.20 -2.33
C ASP A 118 0.76 2.34 -2.83
N PHE A 119 1.18 2.98 -3.92
CA PHE A 119 0.37 4.03 -4.52
C PHE A 119 -1.03 3.51 -4.79
N MET A 120 -1.14 2.30 -5.34
CA MET A 120 -2.45 1.80 -5.75
C MET A 120 -3.31 1.44 -4.54
N PHE A 121 -2.71 0.91 -3.48
CA PHE A 121 -3.50 0.71 -2.25
C PHE A 121 -3.98 2.05 -1.69
N ALA A 122 -3.11 3.05 -1.66
CA ALA A 122 -3.51 4.33 -1.09
C ALA A 122 -4.54 5.01 -1.97
N GLN A 123 -4.37 4.91 -3.28
CA GLN A 123 -5.35 5.47 -4.21
C GLN A 123 -6.70 4.79 -4.06
N SER A 124 -6.72 3.46 -3.95
CA SER A 124 -7.95 2.73 -3.69
C SER A 124 -8.65 3.26 -2.43
N SER A 125 -7.88 3.40 -1.36
CA SER A 125 -8.42 3.90 -0.09
C SER A 125 -8.98 5.31 -0.25
N TRP A 126 -8.28 6.14 -1.01
CA TRP A 126 -8.67 7.53 -1.18
C TRP A 126 -9.95 7.64 -2.01
N PHE A 127 -10.06 6.87 -3.10
CA PHE A 127 -11.32 6.84 -3.85
C PHE A 127 -12.47 6.35 -2.98
N LEU A 128 -12.22 5.33 -2.15
CA LEU A 128 -13.31 4.76 -1.35
C LEU A 128 -13.77 5.73 -0.27
N ALA A 129 -12.83 6.44 0.34
CA ALA A 129 -13.20 7.47 1.31
C ALA A 129 -14.11 8.52 0.67
N ASN A 130 -13.89 8.83 -0.61
CA ASN A 130 -14.71 9.83 -1.30
C ASN A 130 -16.09 9.32 -1.66
N LEU A 131 -16.38 8.04 -1.42
CA LEU A 131 -17.75 7.56 -1.54
C LEU A 131 -18.56 7.79 -0.27
N GLU A 132 -17.90 8.19 0.82
CA GLU A 132 -18.54 8.73 2.03
C GLU A 132 -19.34 7.71 2.82
N ASN A 133 -19.12 6.42 2.64
CA ASN A 133 -19.84 5.38 3.35
C ASN A 133 -18.87 4.67 4.30
N ILE A 134 -19.02 4.92 5.60
CA ILE A 134 -18.02 4.42 6.55
C ILE A 134 -18.13 2.91 6.73
N GLU A 135 -19.33 2.34 6.56
CA GLU A 135 -19.45 0.89 6.69
C GLU A 135 -18.57 0.19 5.66
N VAL A 136 -18.64 0.65 4.41
CA VAL A 136 -17.83 0.04 3.34
C VAL A 136 -16.37 0.34 3.57
N ILE A 137 -16.06 1.56 4.01
CA ILE A 137 -14.67 1.92 4.32
C ILE A 137 -14.08 0.95 5.34
N LYS A 138 -14.84 0.65 6.39
CA LYS A 138 -14.33 -0.29 7.39
C LYS A 138 -14.22 -1.71 6.83
N LEU A 139 -15.21 -2.13 6.05
CA LEU A 139 -15.17 -3.48 5.48
C LEU A 139 -13.95 -3.68 4.59
N ILE A 140 -13.68 -2.70 3.72
CA ILE A 140 -12.58 -2.86 2.77
C ILE A 140 -11.25 -2.76 3.51
N SER A 141 -11.17 -1.90 4.53
CA SER A 141 -9.92 -1.82 5.30
C SER A 141 -9.60 -3.16 5.95
N GLN A 142 -10.63 -3.90 6.38
CA GLN A 142 -10.37 -5.22 6.92
C GLN A 142 -9.85 -6.18 5.84
N VAL A 143 -10.45 -6.12 4.63
CA VAL A 143 -10.02 -6.97 3.53
C VAL A 143 -8.55 -6.72 3.18
N ILE A 144 -8.15 -5.45 3.18
CA ILE A 144 -6.78 -5.12 2.82
C ILE A 144 -5.82 -5.62 3.89
N LYS A 145 -6.23 -5.53 5.16
CA LYS A 145 -5.43 -6.12 6.22
C LYS A 145 -5.36 -7.63 6.08
N ASP A 146 -6.49 -8.25 5.70
CA ASP A 146 -6.53 -9.68 5.38
C ASP A 146 -5.51 -10.06 4.31
N PHE A 147 -5.40 -9.25 3.25
CA PHE A 147 -4.38 -9.53 2.24
C PHE A 147 -2.99 -9.59 2.88
N ALA A 148 -2.62 -8.56 3.66
CA ALA A 148 -1.29 -8.54 4.25
C ALA A 148 -1.10 -9.72 5.23
N SER A 149 -2.09 -10.00 6.07
CA SER A 149 -2.06 -11.18 6.93
C SER A 149 -1.86 -12.46 6.13
N GLY A 150 -2.57 -12.59 5.00
CA GLY A 150 -2.44 -13.79 4.19
C GLY A 150 -1.07 -13.93 3.56
N GLU A 151 -0.48 -12.83 3.11
CA GLU A 151 0.85 -12.94 2.49
C GLU A 151 1.87 -13.39 3.53
N ILE A 152 1.74 -12.88 4.76
CA ILE A 152 2.65 -13.28 5.82
C ILE A 152 2.48 -14.76 6.14
N LYS A 153 1.23 -15.21 6.24
CA LYS A 153 0.99 -16.61 6.53
C LYS A 153 1.53 -17.50 5.43
N GLN A 154 1.34 -17.10 4.17
CA GLN A 154 1.79 -17.93 3.06
C GLN A 154 3.31 -17.98 2.99
N ALA A 155 3.97 -16.85 3.24
CA ALA A 155 5.43 -16.86 3.26
C ALA A 155 5.97 -17.67 4.43
N SER A 156 5.23 -17.74 5.54
CA SER A 156 5.66 -18.46 6.73
C SER A 156 5.48 -19.96 6.63
N THR A 157 4.66 -20.44 5.70
CA THR A 157 4.33 -21.84 5.61
C THR A 157 4.81 -22.46 4.30
N LEU A 158 5.76 -21.82 3.62
CA LEU A 158 6.26 -22.37 2.37
C LEU A 158 6.88 -23.74 2.62
N PHE A 159 6.53 -24.70 1.77
CA PHE A 159 7.00 -26.08 1.82
C PHE A 159 6.58 -26.80 3.08
N ASP A 160 5.60 -26.25 3.83
CA ASP A 160 5.20 -26.83 5.11
C ASP A 160 4.10 -27.85 4.88
N CYS A 161 4.48 -29.12 4.91
CA CYS A 161 3.58 -30.20 4.57
C CYS A 161 2.56 -30.49 5.67
N ASP A 162 2.71 -29.87 6.83
CA ASP A 162 1.77 -30.01 7.92
C ASP A 162 0.61 -29.02 7.83
N ILE A 163 0.55 -28.21 6.77
CA ILE A 163 -0.59 -27.31 6.59
C ILE A 163 -1.87 -28.11 6.54
N THR A 164 -2.90 -27.63 7.25
CA THR A 164 -4.19 -28.29 7.21
C THR A 164 -5.06 -27.71 6.10
N LEU A 165 -6.14 -28.42 5.79
CA LEU A 165 -7.13 -27.88 4.85
C LEU A 165 -7.75 -26.59 5.38
N ASP A 166 -8.06 -26.56 6.68
CA ASP A 166 -8.66 -25.35 7.23
C ASP A 166 -7.72 -24.16 7.12
N ASP A 167 -6.41 -24.41 7.33
CA ASP A 167 -5.41 -23.36 7.11
C ASP A 167 -5.40 -22.93 5.65
N TYR A 168 -5.56 -23.88 4.73
CA TYR A 168 -5.57 -23.56 3.32
C TYR A 168 -6.80 -22.74 2.95
N LEU A 169 -7.94 -23.04 3.57
CA LEU A 169 -9.15 -22.27 3.29
C LEU A 169 -9.07 -20.86 3.87
N LEU A 170 -8.48 -20.70 5.05
CA LEU A 170 -8.25 -19.36 5.60
C LEU A 170 -7.32 -18.56 4.70
N LYS A 171 -6.21 -19.17 4.28
CA LYS A 171 -5.29 -18.51 3.38
C LYS A 171 -5.97 -18.14 2.08
N SER A 172 -6.84 -19.01 1.59
CA SER A 172 -7.57 -18.72 0.36
C SER A 172 -8.54 -17.56 0.58
N TYR A 173 -9.14 -17.50 1.76
CA TYR A 173 -10.01 -16.38 2.09
C TYR A 173 -9.22 -15.07 2.12
N TYR A 174 -8.09 -15.07 2.84
CA TYR A 174 -7.24 -13.89 2.91
C TYR A 174 -6.81 -13.42 1.53
N LYS A 175 -6.36 -14.36 0.70
CA LYS A 175 -5.75 -14.00 -0.57
C LYS A 175 -6.78 -13.57 -1.59
N THR A 176 -7.98 -14.17 -1.57
CA THR A 176 -8.89 -14.02 -2.71
C THR A 176 -10.35 -13.81 -2.31
N ALA A 177 -10.90 -14.66 -1.44
CA ALA A 177 -12.35 -14.63 -1.23
C ALA A 177 -12.76 -13.43 -0.38
N SER A 178 -11.90 -12.95 0.50
CA SER A 178 -12.32 -11.89 1.40
C SER A 178 -12.61 -10.60 0.61
N LEU A 179 -11.75 -10.26 -0.35
CA LEU A 179 -12.01 -9.10 -1.19
C LEU A 179 -13.30 -9.27 -1.99
N ILE A 180 -13.55 -10.47 -2.52
CA ILE A 180 -14.77 -10.67 -3.31
C ILE A 180 -16.01 -10.56 -2.42
N ALA A 181 -15.99 -11.22 -1.25
CA ALA A 181 -17.11 -11.15 -0.33
C ALA A 181 -17.41 -9.70 0.09
N ALA A 182 -16.37 -8.94 0.42
CA ALA A 182 -16.60 -7.54 0.76
C ALA A 182 -17.12 -6.73 -0.42
N SER A 183 -16.67 -7.06 -1.64
CA SER A 183 -17.12 -6.30 -2.80
C SER A 183 -18.60 -6.54 -3.08
N THR A 184 -19.09 -7.75 -2.86
CA THR A 184 -20.50 -8.01 -3.13
C THR A 184 -21.37 -7.51 -1.98
N ARG A 185 -20.90 -7.61 -0.74
CA ARG A 185 -21.64 -6.96 0.35
C ARG A 185 -21.69 -5.45 0.16
N SER A 186 -20.57 -4.84 -0.27
CA SER A 186 -20.59 -3.39 -0.45
C SER A 186 -21.48 -2.95 -1.60
N ALA A 187 -21.55 -3.74 -2.67
CA ALA A 187 -22.49 -3.45 -3.75
C ALA A 187 -23.91 -3.42 -3.23
N ALA A 188 -24.24 -4.35 -2.33
CA ALA A 188 -25.56 -4.38 -1.71
C ALA A 188 -25.77 -3.18 -0.80
N ILE A 189 -24.72 -2.79 -0.06
CA ILE A 189 -24.86 -1.66 0.85
C ILE A 189 -25.19 -0.39 0.08
N PHE A 190 -24.49 -0.16 -1.03
CA PHE A 190 -24.74 1.03 -1.84
C PHE A 190 -26.10 0.98 -2.54
N SER A 191 -26.77 -0.17 -2.57
CA SER A 191 -28.14 -0.22 -3.05
C SER A 191 -29.16 0.00 -1.93
N GLY A 192 -28.73 -0.04 -0.67
CA GLY A 192 -29.63 0.20 0.44
C GLY A 192 -30.56 -0.94 0.78
N VAL A 193 -30.22 -2.18 0.40
CA VAL A 193 -31.07 -3.31 0.78
C VAL A 193 -30.81 -3.65 2.23
N SER A 194 -31.48 -4.68 2.73
CA SER A 194 -31.46 -4.96 4.16
C SER A 194 -30.10 -5.52 4.60
N THR A 195 -29.84 -5.39 5.90
CA THR A 195 -28.69 -6.05 6.52
C THR A 195 -28.65 -7.53 6.15
N ALA A 196 -29.81 -8.20 6.19
CA ALA A 196 -29.85 -9.63 5.88
C ALA A 196 -29.46 -9.91 4.43
N ILE A 197 -29.96 -9.12 3.48
CA ILE A 197 -29.55 -9.33 2.08
C ILE A 197 -28.06 -9.04 1.94
N CYS A 198 -27.58 -8.01 2.62
CA CYS A 198 -26.16 -7.68 2.59
C CYS A 198 -25.32 -8.87 3.08
N GLU A 199 -25.76 -9.52 4.16
CA GLU A 199 -25.04 -10.68 4.69
C GLU A 199 -25.06 -11.82 3.70
N GLN A 200 -26.19 -12.02 3.01
CA GLN A 200 -26.25 -13.05 1.99
C GLN A 200 -25.31 -12.72 0.84
N MET A 201 -25.24 -11.45 0.46
CA MET A 201 -24.34 -11.11 -0.64
C MET A 201 -22.88 -11.27 -0.24
N TYR A 202 -22.56 -11.02 1.03
CA TYR A 202 -21.23 -11.36 1.54
C TYR A 202 -20.94 -12.85 1.36
N GLU A 203 -21.88 -13.70 1.76
CA GLU A 203 -21.67 -15.14 1.71
C GLU A 203 -21.60 -15.65 0.28
N TYR A 204 -22.37 -15.06 -0.63
CA TYR A 204 -22.18 -15.39 -2.05
C TYR A 204 -20.74 -15.14 -2.47
N GLY A 205 -20.23 -13.93 -2.24
CA GLY A 205 -18.90 -13.61 -2.73
C GLY A 205 -17.82 -14.42 -2.03
N ARG A 206 -18.00 -14.69 -0.74
CA ARG A 206 -17.04 -15.51 0.00
C ARG A 206 -16.92 -16.89 -0.61
N ASN A 207 -18.06 -17.55 -0.83
CA ASN A 207 -18.02 -18.93 -1.29
C ASN A 207 -17.69 -19.04 -2.77
N LEU A 208 -18.16 -18.11 -3.60
CA LEU A 208 -17.68 -18.08 -4.98
C LEU A 208 -16.18 -17.78 -5.03
N GLY A 209 -15.70 -16.89 -4.15
CA GLY A 209 -14.27 -16.58 -4.15
C GLY A 209 -13.44 -17.78 -3.74
N LEU A 210 -13.91 -18.53 -2.75
CA LEU A 210 -13.24 -19.77 -2.36
C LEU A 210 -13.30 -20.79 -3.49
N SER A 211 -14.46 -20.94 -4.12
CA SER A 211 -14.60 -21.86 -5.24
C SER A 211 -13.69 -21.47 -6.39
N PHE A 212 -13.61 -20.16 -6.69
CA PHE A 212 -12.72 -19.72 -7.75
C PHE A 212 -11.25 -20.02 -7.40
N GLN A 213 -10.84 -19.80 -6.15
CA GLN A 213 -9.44 -20.06 -5.85
C GLN A 213 -9.12 -21.54 -5.91
N VAL A 214 -10.02 -22.39 -5.40
CA VAL A 214 -9.76 -23.83 -5.45
C VAL A 214 -9.60 -24.29 -6.89
N VAL A 215 -10.44 -23.78 -7.80
CA VAL A 215 -10.33 -24.17 -9.21
C VAL A 215 -9.03 -23.65 -9.82
N ASP A 216 -8.64 -22.41 -9.50
CA ASP A 216 -7.35 -21.91 -9.97
C ASP A 216 -6.21 -22.82 -9.55
N ASP A 217 -6.27 -23.31 -8.31
CA ASP A 217 -5.22 -24.17 -7.78
C ASP A 217 -5.24 -25.53 -8.48
N ILE A 218 -6.44 -26.03 -8.80
CA ILE A 218 -6.53 -27.26 -9.60
C ILE A 218 -5.91 -27.04 -10.97
N LEU A 219 -6.24 -25.93 -11.63
CA LEU A 219 -5.76 -25.69 -12.99
C LEU A 219 -4.24 -25.52 -13.07
N ASP A 220 -3.58 -25.12 -11.98
CA ASP A 220 -2.13 -25.04 -12.00
C ASP A 220 -1.49 -26.40 -12.27
N PHE A 221 -2.21 -27.48 -12.00
CA PHE A 221 -1.76 -28.83 -12.37
C PHE A 221 -2.32 -29.18 -13.75
N THR A 222 -3.64 -29.33 -13.83
CA THR A 222 -4.32 -29.95 -14.97
C THR A 222 -4.24 -29.14 -16.26
N GLN A 223 -3.86 -27.87 -16.21
CA GLN A 223 -3.68 -27.11 -17.43
C GLN A 223 -2.29 -27.35 -18.02
N SER A 224 -2.18 -27.21 -19.33
CA SER A 224 -0.91 -27.34 -20.02
C SER A 224 -0.02 -26.13 -19.73
N ALA A 225 1.26 -26.27 -20.06
CA ALA A 225 2.25 -25.25 -19.75
C ALA A 225 2.13 -24.02 -20.64
N GLU A 226 1.73 -24.20 -21.90
CA GLU A 226 1.49 -23.08 -22.81
C GLU A 226 0.20 -22.35 -22.46
N GLN A 227 -0.89 -23.10 -22.31
CA GLN A 227 -2.17 -22.53 -21.93
C GLN A 227 -2.14 -21.93 -20.53
N LEU A 228 -1.09 -22.20 -19.75
CA LEU A 228 -0.87 -21.54 -18.47
C LEU A 228 0.12 -20.38 -18.56
N GLY A 229 1.01 -20.38 -19.55
CA GLY A 229 2.07 -19.41 -19.63
C GLY A 229 3.29 -19.89 -18.86
N LYS A 230 3.08 -20.24 -17.55
CA LYS A 230 4.04 -20.89 -16.68
C LYS A 230 3.84 -22.40 -16.72
N PRO A 231 4.88 -23.19 -16.42
CA PRO A 231 4.71 -24.65 -16.44
C PRO A 231 3.76 -25.11 -15.35
N ALA A 232 3.23 -26.32 -15.53
CA ALA A 232 2.33 -26.90 -14.54
C ALA A 232 3.06 -27.08 -13.22
N GLY A 233 2.29 -27.02 -12.13
CA GLY A 233 2.86 -27.19 -10.81
C GLY A 233 3.64 -26.00 -10.29
N SER A 234 3.47 -24.82 -10.87
CA SER A 234 4.28 -23.67 -10.47
C SER A 234 4.01 -23.26 -9.03
N ASP A 235 2.76 -23.39 -8.55
CA ASP A 235 2.49 -23.16 -7.13
C ASP A 235 3.28 -24.12 -6.25
N LEU A 236 3.14 -25.43 -6.53
CA LEU A 236 3.86 -26.44 -5.77
C LEU A 236 5.35 -26.17 -5.75
N ALA A 237 5.89 -25.70 -6.88
CA ALA A 237 7.33 -25.51 -7.01
C ALA A 237 7.86 -24.44 -6.06
N LYS A 238 7.11 -23.36 -5.88
CA LYS A 238 7.52 -22.33 -4.94
C LYS A 238 7.16 -22.66 -3.49
N GLY A 239 6.59 -23.82 -3.24
CA GLY A 239 6.25 -24.23 -1.90
C GLY A 239 4.87 -23.85 -1.43
N ASN A 240 4.02 -23.30 -2.30
CA ASN A 240 2.62 -22.98 -1.98
C ASN A 240 1.81 -24.24 -2.19
N LEU A 241 1.45 -24.90 -1.09
CA LEU A 241 0.71 -26.16 -1.14
C LEU A 241 -0.78 -25.87 -1.14
N THR A 242 -1.46 -26.29 -2.20
CA THR A 242 -2.87 -26.00 -2.40
C THR A 242 -3.68 -27.26 -2.21
N ALA A 243 -5.00 -27.13 -2.35
CA ALA A 243 -5.92 -28.22 -2.03
C ALA A 243 -5.53 -29.55 -2.64
N PRO A 244 -5.21 -29.64 -3.95
CA PRO A 244 -4.88 -30.97 -4.50
C PRO A 244 -3.67 -31.60 -3.85
N VAL A 245 -2.70 -30.80 -3.41
CA VAL A 245 -1.51 -31.35 -2.77
C VAL A 245 -1.80 -31.72 -1.33
N ILE A 246 -2.52 -30.87 -0.60
CA ILE A 246 -2.92 -31.20 0.78
C ILE A 246 -3.63 -32.55 0.79
N PHE A 247 -4.56 -32.75 -0.14
CA PHE A 247 -5.26 -34.02 -0.25
C PHE A 247 -4.30 -35.14 -0.64
N ALA A 248 -3.48 -34.91 -1.67
CA ALA A 248 -2.54 -35.93 -2.13
C ALA A 248 -1.60 -36.40 -1.03
N LEU A 249 -1.15 -35.47 -0.18
CA LEU A 249 -0.27 -35.81 0.93
C LEU A 249 -0.87 -36.88 1.83
N GLN A 250 -2.19 -36.99 1.88
CA GLN A 250 -2.82 -37.99 2.73
C GLN A 250 -2.63 -39.41 2.17
N ASP A 251 -2.43 -39.54 0.86
CA ASP A 251 -2.30 -40.85 0.24
C ASP A 251 -0.90 -41.15 -0.30
N GLU A 252 -0.06 -40.13 -0.48
CA GLU A 252 1.23 -40.28 -1.15
C GLU A 252 2.27 -39.58 -0.29
N PRO A 253 2.78 -40.25 0.75
CA PRO A 253 3.67 -39.57 1.71
C PRO A 253 5.03 -39.20 1.14
N GLN A 254 5.43 -39.77 0.00
CA GLN A 254 6.70 -39.37 -0.58
C GLN A 254 6.68 -37.92 -1.03
N LEU A 255 5.48 -37.39 -1.28
CA LEU A 255 5.33 -35.96 -1.57
C LEU A 255 6.00 -35.12 -0.50
N ARG A 256 5.89 -35.56 0.76
CA ARG A 256 6.51 -34.85 1.88
C ARG A 256 8.02 -34.72 1.70
N GLU A 257 8.68 -35.85 1.39
CA GLU A 257 10.12 -35.82 1.14
C GLU A 257 10.49 -34.88 0.00
N ILE A 258 9.76 -34.99 -1.11
CA ILE A 258 10.03 -34.14 -2.27
C ILE A 258 9.88 -32.67 -1.89
N ILE A 259 8.75 -32.33 -1.27
CA ILE A 259 8.48 -30.93 -0.90
C ILE A 259 9.47 -30.47 0.18
N ASP A 260 9.76 -31.33 1.17
CA ASP A 260 10.71 -30.95 2.22
C ASP A 260 12.09 -30.63 1.63
N SER A 261 12.46 -31.31 0.55
CA SER A 261 13.74 -31.04 -0.09
C SER A 261 13.71 -29.77 -0.92
N GLU A 262 12.58 -29.07 -0.94
CA GLU A 262 12.37 -27.93 -1.84
C GLU A 262 12.74 -28.29 -3.28
N PHE A 263 12.48 -29.55 -3.64
CA PHE A 263 12.77 -30.07 -4.98
C PHE A 263 14.24 -29.88 -5.35
N SER A 264 15.12 -30.37 -4.47
CA SER A 264 16.56 -30.22 -4.70
C SER A 264 17.08 -31.27 -5.67
N GLU A 265 16.63 -32.52 -5.53
CA GLU A 265 17.01 -33.55 -6.48
C GLU A 265 16.31 -33.31 -7.80
N THR A 266 17.01 -33.61 -8.87
CA THR A 266 16.60 -33.14 -10.19
C THR A 266 15.40 -33.95 -10.64
N ASN A 267 14.53 -33.34 -11.44
CA ASN A 267 13.25 -33.89 -11.89
C ASN A 267 12.32 -34.32 -10.76
N SER A 268 12.60 -33.92 -9.52
CA SER A 268 11.70 -34.27 -8.42
C SER A 268 10.37 -33.53 -8.52
N LEU A 269 10.33 -32.40 -9.22
CA LEU A 269 9.07 -31.66 -9.33
C LEU A 269 8.06 -32.44 -10.18
N ALA A 270 8.49 -32.94 -11.33
CA ALA A 270 7.59 -33.78 -12.12
C ALA A 270 7.25 -35.06 -11.38
N THR A 271 8.14 -35.53 -10.51
CA THR A 271 7.79 -36.68 -9.68
C THR A 271 6.67 -36.31 -8.73
N ALA A 272 6.76 -35.13 -8.12
CA ALA A 272 5.70 -34.66 -7.25
C ALA A 272 4.38 -34.52 -7.99
N ILE A 273 4.41 -33.94 -9.20
CA ILE A 273 3.18 -33.72 -9.96
C ILE A 273 2.54 -35.05 -10.32
N GLU A 274 3.35 -36.04 -10.68
CA GLU A 274 2.85 -37.40 -10.88
C GLU A 274 2.10 -37.91 -9.65
N LEU A 275 2.68 -37.73 -8.47
CA LEU A 275 2.05 -38.23 -7.25
C LEU A 275 0.71 -37.55 -7.00
N VAL A 276 0.61 -36.25 -7.27
CA VAL A 276 -0.65 -35.54 -7.14
C VAL A 276 -1.72 -36.19 -8.02
N HIS A 277 -1.38 -36.45 -9.29
CA HIS A 277 -2.37 -37.05 -10.21
C HIS A 277 -2.74 -38.46 -9.79
N ARG A 278 -1.74 -39.26 -9.38
CA ARG A 278 -2.00 -40.62 -8.90
C ARG A 278 -2.97 -40.63 -7.72
N SER A 279 -2.90 -39.63 -6.86
CA SER A 279 -3.76 -39.62 -5.69
C SER A 279 -5.19 -39.24 -6.10
N GLY A 280 -6.10 -39.25 -5.13
CA GLY A 280 -7.42 -38.74 -5.39
C GLY A 280 -7.47 -37.23 -5.16
N GLY A 281 -6.32 -36.56 -5.34
CA GLY A 281 -6.21 -35.17 -4.89
C GLY A 281 -7.03 -34.20 -5.73
N ILE A 282 -6.91 -34.30 -7.06
CA ILE A 282 -7.61 -33.38 -7.95
C ILE A 282 -9.13 -33.53 -7.82
N LYS A 283 -9.62 -34.76 -7.72
CA LYS A 283 -11.06 -34.95 -7.62
C LYS A 283 -11.59 -34.50 -6.26
N ARG A 284 -10.83 -34.76 -5.19
CA ARG A 284 -11.24 -34.24 -3.88
C ARG A 284 -11.20 -32.72 -3.85
N ALA A 285 -10.28 -32.10 -4.59
CA ALA A 285 -10.24 -30.65 -4.64
C ALA A 285 -11.39 -30.07 -5.45
N HIS A 286 -11.75 -30.74 -6.55
CA HIS A 286 -12.90 -30.30 -7.33
C HIS A 286 -14.18 -30.35 -6.51
N GLU A 287 -14.39 -31.41 -5.73
CA GLU A 287 -15.62 -31.49 -4.96
C GLU A 287 -15.61 -30.45 -3.81
N LEU A 288 -14.43 -30.07 -3.32
CA LEU A 288 -14.35 -28.93 -2.41
C LEU A 288 -14.80 -27.64 -3.11
N ALA A 289 -14.31 -27.42 -4.32
CA ALA A 289 -14.78 -26.27 -5.10
C ALA A 289 -16.30 -26.33 -5.31
N ARG A 290 -16.84 -27.53 -5.56
CA ARG A 290 -18.28 -27.64 -5.80
C ARG A 290 -19.08 -27.34 -4.54
N GLU A 291 -18.64 -27.85 -3.39
CA GLU A 291 -19.33 -27.59 -2.13
C GLU A 291 -19.47 -26.09 -1.87
N LYS A 292 -18.39 -25.33 -2.10
CA LYS A 292 -18.46 -23.89 -1.89
C LYS A 292 -19.34 -23.22 -2.94
N GLY A 293 -19.31 -23.72 -4.17
CA GLY A 293 -20.18 -23.18 -5.21
C GLY A 293 -21.66 -23.35 -4.87
N GLU A 294 -22.02 -24.50 -4.30
CA GLU A 294 -23.41 -24.71 -3.91
C GLU A 294 -23.84 -23.73 -2.82
N ILE A 295 -22.96 -23.48 -1.84
CA ILE A 295 -23.28 -22.50 -0.81
C ILE A 295 -23.48 -21.14 -1.44
N ALA A 296 -22.63 -20.79 -2.41
CA ALA A 296 -22.77 -19.54 -3.13
C ALA A 296 -24.16 -19.42 -3.78
N ILE A 297 -24.56 -20.43 -4.55
CA ILE A 297 -25.85 -20.36 -5.23
C ILE A 297 -26.98 -20.27 -4.22
N GLN A 298 -26.81 -20.91 -3.07
CA GLN A 298 -27.85 -20.82 -2.06
C GLN A 298 -28.00 -19.40 -1.54
N SER A 299 -26.86 -18.67 -1.37
CA SER A 299 -26.89 -17.29 -0.87
C SER A 299 -27.62 -16.33 -1.81
N LEU A 300 -27.85 -16.73 -3.06
CA LEU A 300 -28.57 -15.90 -4.02
C LEU A 300 -30.09 -16.03 -3.89
N GLN A 301 -30.59 -17.01 -3.14
CA GLN A 301 -32.04 -17.24 -3.18
C GLN A 301 -32.83 -16.17 -2.44
N CYS A 302 -32.17 -15.32 -1.66
CA CYS A 302 -32.84 -14.17 -1.05
C CYS A 302 -33.18 -13.08 -2.05
N LEU A 303 -32.61 -13.13 -3.32
CA LEU A 303 -32.89 -12.16 -4.36
C LEU A 303 -34.07 -12.61 -5.21
N PRO A 304 -34.78 -11.67 -5.82
CA PRO A 304 -35.79 -12.05 -6.82
C PRO A 304 -35.13 -12.65 -8.04
N ARG A 305 -35.93 -13.40 -8.78
CA ARG A 305 -35.48 -13.84 -10.11
C ARG A 305 -35.14 -12.62 -10.94
N SER A 306 -34.00 -12.67 -11.62
CA SER A 306 -33.60 -11.59 -12.51
C SER A 306 -32.51 -12.16 -13.39
N GLU A 307 -32.29 -11.50 -14.53
CA GLU A 307 -31.14 -11.87 -15.35
C GLU A 307 -29.84 -11.69 -14.57
N PHE A 308 -29.80 -10.71 -13.66
CA PHE A 308 -28.62 -10.51 -12.82
C PHE A 308 -28.40 -11.70 -11.89
N ARG A 309 -29.46 -12.15 -11.24
CA ARG A 309 -29.34 -13.33 -10.38
C ARG A 309 -28.95 -14.56 -11.19
N SER A 310 -29.60 -14.75 -12.36
CA SER A 310 -29.27 -15.90 -13.19
C SER A 310 -27.80 -15.90 -13.59
N THR A 311 -27.24 -14.73 -13.88
CA THR A 311 -25.83 -14.65 -14.25
C THR A 311 -24.92 -14.91 -13.05
N LEU A 312 -25.30 -14.41 -11.87
CA LEU A 312 -24.56 -14.71 -10.65
C LEU A 312 -24.55 -16.21 -10.39
N GLU A 313 -25.68 -16.89 -10.62
CA GLU A 313 -25.67 -18.35 -10.55
C GLU A 313 -24.80 -18.95 -11.64
N ASN A 314 -24.83 -18.35 -12.84
CA ASN A 314 -24.05 -18.92 -13.95
C ASN A 314 -22.55 -18.78 -13.70
N MET A 315 -22.13 -17.74 -12.99
CA MET A 315 -20.72 -17.59 -12.63
C MET A 315 -20.21 -18.79 -11.85
N VAL A 316 -21.01 -19.27 -10.90
CA VAL A 316 -20.63 -20.46 -10.13
C VAL A 316 -20.44 -21.65 -11.05
N LYS A 317 -21.39 -21.86 -11.96
CA LYS A 317 -21.32 -22.98 -12.91
C LYS A 317 -20.10 -22.85 -13.81
N TYR A 318 -19.90 -21.69 -14.41
CA TYR A 318 -18.78 -21.47 -15.31
C TYR A 318 -17.45 -21.76 -14.63
N ASN A 319 -17.31 -21.37 -13.36
CA ASN A 319 -16.05 -21.60 -12.67
C ASN A 319 -15.78 -23.09 -12.54
N LEU A 320 -16.78 -23.87 -12.14
CA LEU A 320 -16.56 -25.30 -11.94
C LEU A 320 -16.26 -26.01 -13.25
N GLU A 321 -16.89 -25.58 -14.35
CA GLU A 321 -16.64 -26.18 -15.66
C GLU A 321 -15.35 -25.67 -16.28
N ARG A 322 -14.71 -24.70 -15.66
CA ARG A 322 -13.62 -23.94 -16.27
C ARG A 322 -12.44 -24.81 -16.64
N ILE A 323 -11.81 -24.46 -17.77
CA ILE A 323 -10.45 -24.85 -18.07
C ILE A 323 -9.53 -23.63 -18.21
N ASP A 324 -10.08 -22.46 -18.50
CA ASP A 324 -9.40 -21.14 -18.40
C ASP A 324 -8.14 -21.00 -19.26
N VAL B 8 7.91 -4.98 13.19
CA VAL B 8 6.79 -5.58 13.95
C VAL B 8 5.84 -4.46 14.44
N VAL B 9 4.54 -4.57 14.13
CA VAL B 9 3.52 -3.56 14.55
C VAL B 9 3.44 -3.62 16.07
N ALA B 10 3.42 -4.82 16.62
CA ALA B 10 3.36 -5.00 18.09
C ALA B 10 4.44 -4.16 18.78
N ASP B 11 5.71 -4.39 18.41
CA ASP B 11 6.79 -3.64 19.06
C ASP B 11 6.60 -2.14 18.89
N ASP B 12 6.26 -1.71 17.69
CA ASP B 12 6.10 -0.28 17.41
C ASP B 12 5.00 0.33 18.26
N LEU B 13 3.84 -0.33 18.33
CA LEU B 13 2.72 0.20 19.13
C LEU B 13 3.14 0.27 20.60
N LEU B 14 4.02 -0.64 20.99
CA LEU B 14 4.49 -0.69 22.40
C LEU B 14 5.34 0.54 22.70
N LYS B 15 6.36 0.78 21.87
CA LYS B 15 7.27 1.92 22.11
C LYS B 15 6.49 3.24 22.12
N LEU B 16 5.57 3.42 21.17
CA LEU B 16 4.79 4.68 21.08
C LEU B 16 4.11 4.95 22.42
N ASN B 17 3.27 4.01 22.85
CA ASN B 17 2.60 4.13 24.16
C ASN B 17 3.61 4.47 25.25
N ASN B 18 4.69 3.73 25.34
CA ASN B 18 5.75 4.03 26.33
C ASN B 18 6.23 5.47 26.15
N ASN B 19 6.52 5.86 24.90
CA ASN B 19 7.06 7.21 24.66
C ASN B 19 5.97 8.23 24.96
N LEU B 20 4.72 7.82 24.80
CA LEU B 20 3.56 8.70 25.08
C LEU B 20 3.49 8.88 26.58
N LYS B 21 3.65 7.78 27.30
CA LYS B 21 3.58 7.85 28.76
C LYS B 21 4.50 8.91 29.31
N SER B 22 5.79 8.84 28.97
CA SER B 22 6.73 9.81 29.52
C SER B 22 6.40 11.22 29.07
N LEU B 23 5.79 11.36 27.89
CA LEU B 23 5.45 12.69 27.41
C LEU B 23 4.41 13.34 28.29
N VAL B 24 3.28 12.64 28.52
CA VAL B 24 2.24 13.16 29.41
C VAL B 24 2.81 13.41 30.80
N GLY B 25 3.51 12.40 31.34
CA GLY B 25 4.10 12.53 32.67
C GLY B 25 5.06 13.70 32.78
N ALA B 26 5.73 14.06 31.68
CA ALA B 26 6.63 15.21 31.71
C ALA B 26 5.85 16.52 31.70
N GLU B 27 4.95 16.67 30.73
CA GLU B 27 4.11 17.86 30.71
C GLU B 27 3.25 17.97 31.96
N ASN B 28 3.23 16.90 32.79
CA ASN B 28 2.46 16.91 34.03
C ASN B 28 2.94 17.99 34.98
N PRO B 29 4.20 17.96 35.51
CA PRO B 29 4.59 19.08 36.36
C PRO B 29 4.83 20.40 35.60
N LYS B 44 10.91 6.87 15.52
CA LYS B 44 11.28 8.15 16.09
C LYS B 44 10.12 8.70 16.93
N ARG B 45 10.44 9.52 17.92
CA ARG B 45 9.43 10.07 18.81
C ARG B 45 8.74 11.30 18.23
N LEU B 46 9.33 11.94 17.22
CA LEU B 46 8.88 13.27 16.82
C LEU B 46 7.41 13.29 16.41
N ARG B 47 7.01 12.34 15.57
CA ARG B 47 5.68 12.43 14.98
C ARG B 47 4.59 12.12 15.99
N PRO B 48 4.72 11.07 16.82
CA PRO B 48 3.72 10.89 17.88
C PRO B 48 3.70 12.02 18.88
N ALA B 49 4.85 12.61 19.18
CA ALA B 49 4.89 13.73 20.13
C ALA B 49 4.10 14.92 19.59
N LEU B 50 4.29 15.25 18.30
CA LEU B 50 3.48 16.32 17.70
C LEU B 50 2.00 15.99 17.75
N VAL B 51 1.63 14.73 17.47
CA VAL B 51 0.23 14.35 17.56
C VAL B 51 -0.28 14.57 18.97
N PHE B 52 0.48 14.12 19.98
CA PHE B 52 0.07 14.26 21.38
C PHE B 52 -0.10 15.72 21.75
N LEU B 53 0.86 16.57 21.37
CA LEU B 53 0.84 17.94 21.83
C LEU B 53 -0.29 18.73 21.19
N VAL B 54 -0.50 18.54 19.89
CA VAL B 54 -1.61 19.22 19.23
C VAL B 54 -2.93 18.65 19.72
N SER B 55 -2.96 17.34 19.97
CA SER B 55 -4.14 16.72 20.54
C SER B 55 -4.51 17.39 21.85
N ARG B 56 -3.54 17.52 22.76
CA ARG B 56 -3.87 18.07 24.06
C ARG B 56 -4.24 19.55 23.96
N ALA B 57 -3.50 20.32 23.16
CA ALA B 57 -3.81 21.75 23.04
C ALA B 57 -5.22 21.95 22.50
N THR B 58 -5.56 21.22 21.44
CA THR B 58 -6.88 21.38 20.84
C THR B 58 -7.96 20.70 21.67
N ALA B 59 -7.64 19.59 22.35
CA ALA B 59 -8.68 18.95 23.18
C ALA B 59 -9.12 19.88 24.30
N GLU B 60 -8.18 20.59 24.91
CA GLU B 60 -8.56 21.57 25.93
C GLU B 60 -9.45 22.66 25.34
N LEU B 61 -9.09 23.13 24.14
CA LEU B 61 -9.90 24.14 23.48
C LEU B 61 -11.31 23.64 23.23
N ALA B 62 -11.46 22.37 22.89
CA ALA B 62 -12.76 21.78 22.62
C ALA B 62 -13.56 21.45 23.88
N GLY B 63 -12.99 21.59 25.07
CA GLY B 63 -13.70 21.18 26.28
C GLY B 63 -13.58 19.71 26.63
N LEU B 64 -12.69 18.96 25.98
CA LEU B 64 -12.51 17.56 26.34
C LEU B 64 -11.73 17.46 27.63
N LEU B 65 -12.08 16.48 28.45
CA LEU B 65 -11.43 16.29 29.74
C LEU B 65 -10.25 15.34 29.66
N GLU B 66 -10.16 14.54 28.60
CA GLU B 66 -9.05 13.63 28.39
C GLU B 66 -8.91 13.41 26.89
N LEU B 67 -7.76 12.89 26.48
CA LEU B 67 -7.60 12.53 25.07
C LEU B 67 -8.60 11.43 24.70
N THR B 68 -9.10 11.50 23.47
CA THR B 68 -10.00 10.47 22.99
C THR B 68 -9.19 9.25 22.53
N THR B 69 -9.90 8.13 22.36
CA THR B 69 -9.27 6.98 21.73
C THR B 69 -8.72 7.34 20.34
N GLU B 70 -9.42 8.21 19.63
CA GLU B 70 -8.99 8.59 18.29
C GLU B 70 -7.65 9.31 18.32
N HIS B 71 -7.46 10.23 19.28
CA HIS B 71 -6.17 10.88 19.46
C HIS B 71 -5.07 9.86 19.70
N GLN B 72 -5.31 8.92 20.61
CA GLN B 72 -4.26 7.98 20.96
C GLN B 72 -3.94 7.04 19.78
N ARG B 73 -4.98 6.54 19.10
CA ARG B 73 -4.77 5.73 17.90
C ARG B 73 -4.07 6.53 16.80
N LEU B 74 -4.43 7.80 16.64
CA LEU B 74 -3.80 8.61 15.59
C LEU B 74 -2.28 8.61 15.72
N ALA B 75 -1.77 8.73 16.95
CA ALA B 75 -0.32 8.77 17.15
C ALA B 75 0.33 7.45 16.70
N GLU B 76 -0.33 6.33 16.99
CA GLU B 76 0.15 5.04 16.52
C GLU B 76 0.06 4.94 15.01
N ILE B 77 -1.05 5.40 14.43
CA ILE B 77 -1.25 5.37 12.97
C ILE B 77 -0.15 6.14 12.26
N ILE B 78 0.15 7.35 12.75
CA ILE B 78 1.12 8.18 12.04
C ILE B 78 2.51 7.54 12.06
N GLU B 79 2.88 6.95 13.19
CA GLU B 79 4.21 6.37 13.29
C GLU B 79 4.30 5.07 12.52
N MET B 80 3.21 4.28 12.48
CA MET B 80 3.20 3.08 11.66
C MET B 80 3.38 3.43 10.18
N ILE B 81 2.72 4.51 9.73
CA ILE B 81 2.86 4.92 8.34
C ILE B 81 4.27 5.41 8.07
N HIS B 82 4.82 6.23 8.98
CA HIS B 82 6.20 6.69 8.81
C HIS B 82 7.17 5.51 8.72
N THR B 83 7.01 4.53 9.63
CA THR B 83 7.94 3.41 9.66
C THR B 83 7.74 2.50 8.45
N ALA B 84 6.49 2.22 8.09
CA ALA B 84 6.23 1.43 6.88
C ALA B 84 6.82 2.11 5.65
N SER B 85 6.68 3.44 5.57
CA SER B 85 7.23 4.19 4.46
C SER B 85 8.73 3.99 4.33
N LEU B 86 9.45 4.10 5.45
CA LEU B 86 10.91 3.94 5.44
C LEU B 86 11.31 2.52 5.06
N ILE B 87 10.59 1.54 5.58
CA ILE B 87 10.89 0.13 5.31
C ILE B 87 10.76 -0.15 3.81
N HIS B 88 9.69 0.34 3.20
CA HIS B 88 9.50 0.09 1.77
C HIS B 88 10.51 0.89 0.94
N ASP B 89 10.76 2.14 1.34
CA ASP B 89 11.65 2.99 0.56
C ASP B 89 13.06 2.42 0.51
N ASP B 90 13.40 1.58 1.48
CA ASP B 90 14.73 0.98 1.63
C ASP B 90 14.88 -0.34 0.89
N VAL B 91 13.80 -0.85 0.28
CA VAL B 91 13.88 -2.10 -0.48
C VAL B 91 14.90 -1.93 -1.62
N ILE B 92 15.60 -3.02 -1.97
CA ILE B 92 16.66 -2.93 -2.98
C ILE B 92 16.07 -2.86 -4.39
N ASP B 93 16.90 -2.38 -5.32
CA ASP B 93 16.57 -2.36 -6.74
C ASP B 93 17.36 -3.48 -7.42
N ASP B 94 16.65 -4.53 -7.82
CA ASP B 94 17.26 -5.69 -8.47
C ASP B 94 17.14 -5.66 -9.98
N SER B 95 16.85 -4.50 -10.58
CA SER B 95 16.26 -4.48 -11.93
C SER B 95 17.14 -5.17 -12.97
N GLY B 96 18.44 -4.87 -13.00
CA GLY B 96 19.11 -5.42 -14.17
C GLY B 96 19.56 -6.88 -14.12
N MET B 97 19.24 -7.61 -13.05
CA MET B 97 19.91 -8.88 -12.78
C MET B 97 19.29 -10.02 -13.57
N ARG B 98 20.14 -10.91 -14.11
CA ARG B 98 19.68 -12.07 -14.86
C ARG B 98 19.68 -13.36 -14.05
N ARG B 99 20.35 -13.37 -12.91
CA ARG B 99 20.31 -14.48 -11.97
C ARG B 99 20.75 -13.92 -10.61
N GLY B 100 20.73 -14.78 -9.60
CA GLY B 100 21.10 -14.38 -8.26
C GLY B 100 20.11 -13.48 -7.54
N LYS B 101 18.95 -13.19 -8.15
CA LYS B 101 17.96 -12.37 -7.47
C LYS B 101 17.42 -13.07 -6.23
N GLU B 102 17.20 -14.39 -6.34
CA GLU B 102 16.79 -15.17 -5.18
C GLU B 102 17.76 -14.97 -4.02
N THR B 103 19.06 -15.05 -4.30
CA THR B 103 20.05 -14.88 -3.26
C THR B 103 20.06 -13.46 -2.71
N ILE B 104 19.99 -12.45 -3.58
CA ILE B 104 20.14 -11.08 -3.07
C ILE B 104 18.94 -10.70 -2.22
N HIS B 105 17.77 -11.25 -2.49
CA HIS B 105 16.60 -10.93 -1.67
C HIS B 105 16.68 -11.62 -0.32
N GLN B 106 17.22 -12.85 -0.28
CA GLN B 106 17.43 -13.52 1.00
C GLN B 106 18.47 -12.80 1.83
N LEU B 107 19.60 -12.42 1.19
CA LEU B 107 20.63 -11.64 1.87
C LEU B 107 20.05 -10.39 2.51
N TYR B 108 19.16 -9.70 1.81
CA TYR B 108 18.70 -8.39 2.24
C TYR B 108 17.29 -8.41 2.85
N GLY B 109 16.70 -9.59 3.02
CA GLY B 109 15.41 -9.70 3.71
C GLY B 109 14.28 -8.98 3.00
N THR B 110 14.29 -9.01 1.67
CA THR B 110 13.33 -8.21 0.91
C THR B 110 11.89 -8.64 1.18
N ARG B 111 11.63 -9.95 1.24
CA ARG B 111 10.26 -10.40 1.45
C ARG B 111 9.75 -9.96 2.81
N VAL B 112 10.60 -10.05 3.84
CA VAL B 112 10.23 -9.60 5.18
C VAL B 112 9.95 -8.10 5.17
N ALA B 113 10.82 -7.32 4.52
CA ALA B 113 10.61 -5.87 4.41
C ALA B 113 9.26 -5.56 3.76
N VAL B 114 8.96 -6.20 2.64
CA VAL B 114 7.74 -5.88 1.93
C VAL B 114 6.53 -6.27 2.78
N LEU B 115 6.57 -7.48 3.34
CA LEU B 115 5.46 -7.98 4.13
C LEU B 115 5.24 -7.13 5.38
N ALA B 116 6.32 -6.81 6.08
CA ALA B 116 6.21 -6.00 7.29
C ALA B 116 5.64 -4.62 6.97
N GLY B 117 6.13 -4.00 5.91
CA GLY B 117 5.60 -2.70 5.54
C GLY B 117 4.13 -2.77 5.17
N ASP B 118 3.76 -3.75 4.36
CA ASP B 118 2.36 -3.91 3.99
C ASP B 118 1.48 -4.10 5.22
N PHE B 119 1.92 -4.94 6.15
CA PHE B 119 1.04 -5.21 7.29
C PHE B 119 0.91 -3.97 8.17
N MET B 120 2.00 -3.22 8.32
CA MET B 120 1.97 -1.97 9.08
C MET B 120 1.04 -0.96 8.43
N PHE B 121 1.18 -0.75 7.11
CA PHE B 121 0.25 0.09 6.37
C PHE B 121 -1.19 -0.38 6.57
N ALA B 122 -1.43 -1.67 6.39
CA ALA B 122 -2.79 -2.20 6.46
C ALA B 122 -3.37 -2.05 7.86
N GLN B 123 -2.55 -2.30 8.89
CA GLN B 123 -3.00 -2.09 10.27
C GLN B 123 -3.36 -0.64 10.50
N SER B 124 -2.56 0.28 9.96
CA SER B 124 -2.84 1.71 10.15
C SER B 124 -4.12 2.11 9.43
N SER B 125 -4.34 1.57 8.22
CA SER B 125 -5.55 1.90 7.47
C SER B 125 -6.78 1.33 8.17
N TRP B 126 -6.63 0.14 8.74
CA TRP B 126 -7.72 -0.49 9.47
C TRP B 126 -8.06 0.30 10.73
N PHE B 127 -7.03 0.71 11.49
CA PHE B 127 -7.25 1.60 12.64
C PHE B 127 -8.01 2.85 12.21
N LEU B 128 -7.54 3.49 11.14
CA LEU B 128 -8.08 4.75 10.66
C LEU B 128 -9.54 4.63 10.28
N ALA B 129 -9.88 3.57 9.54
CA ALA B 129 -11.28 3.34 9.18
C ALA B 129 -12.15 3.19 10.42
N ASN B 130 -11.65 2.49 11.44
CA ASN B 130 -12.49 2.31 12.62
C ASN B 130 -12.54 3.52 13.54
N LEU B 131 -11.74 4.56 13.26
CA LEU B 131 -11.93 5.84 13.93
C LEU B 131 -13.07 6.63 13.31
N GLU B 132 -13.46 6.28 12.08
CA GLU B 132 -14.70 6.72 11.41
C GLU B 132 -14.70 8.17 11.00
N ASN B 133 -13.54 8.82 10.90
CA ASN B 133 -13.51 10.17 10.37
C ASN B 133 -13.03 10.11 8.92
N ILE B 134 -13.93 10.47 8.00
CA ILE B 134 -13.64 10.31 6.58
C ILE B 134 -12.68 11.40 6.10
N GLU B 135 -12.80 12.62 6.63
CA GLU B 135 -11.84 13.68 6.30
C GLU B 135 -10.41 13.24 6.59
N VAL B 136 -10.19 12.59 7.72
CA VAL B 136 -8.83 12.17 8.08
C VAL B 136 -8.34 11.07 7.14
N ILE B 137 -9.22 10.13 6.81
CA ILE B 137 -8.85 9.05 5.88
C ILE B 137 -8.43 9.64 4.54
N LYS B 138 -9.22 10.60 4.02
CA LYS B 138 -8.85 11.26 2.76
C LYS B 138 -7.47 11.90 2.85
N LEU B 139 -7.26 12.70 3.89
CA LEU B 139 -5.99 13.40 4.11
C LEU B 139 -4.82 12.43 4.11
N ILE B 140 -4.91 11.38 4.92
CA ILE B 140 -3.77 10.48 5.12
C ILE B 140 -3.53 9.61 3.89
N SER B 141 -4.62 9.14 3.26
CA SER B 141 -4.48 8.38 2.01
C SER B 141 -3.74 9.20 0.96
N GLN B 142 -4.08 10.49 0.84
CA GLN B 142 -3.39 11.36 -0.10
C GLN B 142 -1.90 11.50 0.25
N VAL B 143 -1.57 11.56 1.54
CA VAL B 143 -0.16 11.64 1.94
C VAL B 143 0.60 10.46 1.37
N ILE B 144 0.04 9.26 1.50
CA ILE B 144 0.75 8.06 1.09
C ILE B 144 0.85 7.98 -0.42
N LYS B 145 -0.22 8.36 -1.14
CA LYS B 145 -0.14 8.50 -2.60
C LYS B 145 1.03 9.39 -3.01
N ASP B 146 1.10 10.59 -2.44
CA ASP B 146 2.12 11.53 -2.86
C ASP B 146 3.50 11.05 -2.47
N PHE B 147 3.61 10.39 -1.31
CA PHE B 147 4.89 9.82 -0.92
C PHE B 147 5.35 8.76 -1.90
N ALA B 148 4.51 7.75 -2.17
CA ALA B 148 4.91 6.68 -3.08
C ALA B 148 5.21 7.23 -4.48
N SER B 149 4.34 8.11 -4.99
CA SER B 149 4.59 8.74 -6.28
C SER B 149 5.92 9.48 -6.31
N GLY B 150 6.18 10.34 -5.31
CA GLY B 150 7.44 11.07 -5.27
C GLY B 150 8.66 10.16 -5.20
N GLU B 151 8.60 9.10 -4.38
CA GLU B 151 9.77 8.24 -4.22
C GLU B 151 10.08 7.45 -5.48
N ILE B 152 9.05 7.11 -6.27
CA ILE B 152 9.29 6.51 -7.58
C ILE B 152 10.07 7.46 -8.48
N LYS B 153 9.70 8.75 -8.48
CA LYS B 153 10.33 9.77 -9.32
C LYS B 153 11.72 10.17 -8.84
N GLN B 154 12.07 9.84 -7.60
CA GLN B 154 13.26 10.40 -6.98
C GLN B 154 14.52 10.17 -7.81
N ALA B 155 14.71 8.96 -8.33
CA ALA B 155 15.96 8.65 -9.04
C ALA B 155 16.14 9.53 -10.27
N SER B 156 15.04 9.93 -10.90
CA SER B 156 15.14 10.72 -12.12
C SER B 156 15.55 12.17 -11.83
N THR B 157 15.49 12.62 -10.58
CA THR B 157 15.80 14.01 -10.25
C THR B 157 17.23 14.18 -9.75
N LEU B 158 17.97 13.10 -9.55
CA LEU B 158 19.33 13.20 -9.04
C LEU B 158 20.23 13.90 -10.07
N PHE B 159 21.11 14.76 -9.58
CA PHE B 159 22.07 15.55 -10.36
C PHE B 159 21.41 16.56 -11.28
N ASP B 160 20.10 16.78 -11.18
CA ASP B 160 19.44 17.76 -12.04
C ASP B 160 19.67 19.13 -11.42
N CYS B 161 20.60 19.92 -11.98
CA CYS B 161 20.82 21.26 -11.42
C CYS B 161 19.79 22.29 -11.83
N ASP B 162 18.79 21.91 -12.62
CA ASP B 162 17.75 22.87 -12.93
C ASP B 162 16.63 22.87 -11.90
N ILE B 163 16.75 22.06 -10.85
CA ILE B 163 15.73 22.04 -9.79
C ILE B 163 15.59 23.43 -9.19
N THR B 164 14.36 23.88 -9.02
CA THR B 164 14.13 25.16 -8.37
C THR B 164 13.93 24.96 -6.88
N LEU B 165 14.04 26.05 -6.13
CA LEU B 165 13.76 26.01 -4.71
C LEU B 165 12.31 25.60 -4.46
N ASP B 166 11.40 26.00 -5.35
CA ASP B 166 10.01 25.61 -5.15
C ASP B 166 9.82 24.12 -5.41
N ASP B 167 10.50 23.59 -6.44
CA ASP B 167 10.49 22.15 -6.70
C ASP B 167 11.05 21.39 -5.50
N TYR B 168 12.06 21.96 -4.83
CA TYR B 168 12.70 21.28 -3.71
C TYR B 168 11.81 21.29 -2.48
N LEU B 169 11.09 22.38 -2.26
CA LEU B 169 10.15 22.45 -1.14
C LEU B 169 8.98 21.51 -1.35
N LEU B 170 8.46 21.46 -2.58
CA LEU B 170 7.38 20.52 -2.88
C LEU B 170 7.84 19.09 -2.68
N LYS B 171 9.04 18.76 -3.17
CA LYS B 171 9.59 17.43 -2.97
C LYS B 171 9.74 17.12 -1.48
N SER B 172 10.25 18.08 -0.70
CA SER B 172 10.40 17.88 0.73
C SER B 172 9.04 17.74 1.41
N TYR B 173 8.04 18.48 0.92
CA TYR B 173 6.69 18.32 1.45
C TYR B 173 6.20 16.90 1.24
N TYR B 174 6.25 16.41 0.00
CA TYR B 174 5.73 15.07 -0.27
C TYR B 174 6.50 14.01 0.49
N LYS B 175 7.82 14.20 0.65
CA LYS B 175 8.64 13.21 1.34
C LYS B 175 8.46 13.25 2.86
N THR B 176 8.36 14.44 3.45
CA THR B 176 8.46 14.58 4.89
C THR B 176 7.34 15.41 5.50
N ALA B 177 7.16 16.63 5.01
CA ALA B 177 6.30 17.57 5.74
C ALA B 177 4.82 17.24 5.63
N SER B 178 4.39 16.58 4.54
CA SER B 178 2.96 16.35 4.35
C SER B 178 2.38 15.43 5.41
N LEU B 179 3.09 14.34 5.74
CA LEU B 179 2.61 13.46 6.79
C LEU B 179 2.54 14.18 8.13
N ILE B 180 3.52 15.03 8.41
CA ILE B 180 3.50 15.77 9.67
C ILE B 180 2.34 16.76 9.68
N ALA B 181 2.13 17.45 8.55
CA ALA B 181 1.00 18.37 8.49
C ALA B 181 -0.32 17.64 8.60
N ALA B 182 -0.45 16.49 7.93
CA ALA B 182 -1.67 15.70 8.08
C ALA B 182 -1.91 15.31 9.54
N SER B 183 -0.83 14.99 10.26
CA SER B 183 -0.98 14.47 11.61
C SER B 183 -1.46 15.54 12.56
N THR B 184 -0.94 16.77 12.42
CA THR B 184 -1.35 17.84 13.31
C THR B 184 -2.74 18.35 12.94
N ARG B 185 -3.08 18.38 11.66
CA ARG B 185 -4.46 18.70 11.30
C ARG B 185 -5.40 17.63 11.83
N SER B 186 -5.01 16.36 11.69
CA SER B 186 -5.95 15.30 12.08
C SER B 186 -6.14 15.28 13.58
N ALA B 187 -5.11 15.63 14.35
CA ALA B 187 -5.26 15.75 15.79
C ALA B 187 -6.31 16.80 16.15
N ALA B 188 -6.29 17.95 15.44
CA ALA B 188 -7.28 19.00 15.69
C ALA B 188 -8.68 18.56 15.25
N ILE B 189 -8.76 17.85 14.12
CA ILE B 189 -10.04 17.35 13.63
C ILE B 189 -10.68 16.44 14.68
N PHE B 190 -9.90 15.53 15.25
CA PHE B 190 -10.45 14.60 16.23
C PHE B 190 -10.83 15.28 17.55
N SER B 191 -10.25 16.45 17.83
CA SER B 191 -10.72 17.27 18.96
C SER B 191 -12.01 18.02 18.65
N GLY B 192 -12.36 18.18 17.38
CA GLY B 192 -13.60 18.87 17.06
C GLY B 192 -13.53 20.37 17.11
N VAL B 193 -12.33 20.95 17.07
CA VAL B 193 -12.17 22.41 17.01
C VAL B 193 -12.58 22.90 15.63
N SER B 194 -12.65 24.22 15.47
CA SER B 194 -13.16 24.80 14.24
C SER B 194 -12.25 24.49 13.05
N THR B 195 -12.82 24.58 11.86
CA THR B 195 -12.04 24.36 10.65
C THR B 195 -10.87 25.34 10.57
N ALA B 196 -11.08 26.57 11.03
CA ALA B 196 -9.98 27.54 10.97
C ALA B 196 -8.80 27.10 11.84
N ILE B 197 -9.07 26.53 13.02
CA ILE B 197 -7.98 26.06 13.87
C ILE B 197 -7.34 24.80 13.29
N CYS B 198 -8.17 23.91 12.74
CA CYS B 198 -7.66 22.74 12.03
C CYS B 198 -6.71 23.15 10.92
N GLU B 199 -7.07 24.18 10.14
CA GLU B 199 -6.19 24.64 9.07
C GLU B 199 -4.90 25.25 9.65
N GLN B 200 -5.00 25.97 10.77
CA GLN B 200 -3.79 26.51 11.39
C GLN B 200 -2.89 25.39 11.90
N MET B 201 -3.46 24.33 12.48
CA MET B 201 -2.62 23.21 12.90
C MET B 201 -2.00 22.51 11.70
N TYR B 202 -2.74 22.43 10.59
CA TYR B 202 -2.15 21.93 9.36
C TYR B 202 -0.95 22.76 8.97
N GLU B 203 -1.10 24.09 8.99
CA GLU B 203 0.01 24.96 8.60
C GLU B 203 1.20 24.86 9.55
N TYR B 204 0.95 24.65 10.85
CA TYR B 204 2.05 24.45 11.79
C TYR B 204 2.84 23.21 11.42
N GLY B 205 2.14 22.10 11.21
CA GLY B 205 2.81 20.85 10.87
C GLY B 205 3.57 20.94 9.55
N ARG B 206 2.94 21.52 8.53
CA ARG B 206 3.60 21.66 7.24
C ARG B 206 4.88 22.50 7.36
N ASN B 207 4.80 23.63 8.05
CA ASN B 207 5.96 24.51 8.09
C ASN B 207 7.03 24.03 9.06
N LEU B 208 6.64 23.39 10.17
CA LEU B 208 7.66 22.73 10.99
C LEU B 208 8.32 21.61 10.21
N GLY B 209 7.53 20.85 9.43
CA GLY B 209 8.10 19.75 8.67
C GLY B 209 9.08 20.23 7.62
N LEU B 210 8.76 21.33 6.95
CA LEU B 210 9.70 21.90 5.98
C LEU B 210 10.94 22.45 6.68
N SER B 211 10.75 23.18 7.78
CA SER B 211 11.89 23.69 8.55
C SER B 211 12.77 22.54 9.02
N PHE B 212 12.14 21.47 9.52
CA PHE B 212 12.84 20.25 9.92
C PHE B 212 13.63 19.66 8.75
N GLN B 213 13.00 19.55 7.58
CA GLN B 213 13.69 18.95 6.45
C GLN B 213 14.85 19.82 5.99
N VAL B 214 14.67 21.14 5.97
CA VAL B 214 15.77 21.99 5.49
C VAL B 214 16.96 21.90 6.44
N VAL B 215 16.70 21.82 7.74
CA VAL B 215 17.79 21.73 8.71
C VAL B 215 18.52 20.40 8.55
N ASP B 216 17.78 19.30 8.37
CA ASP B 216 18.41 18.02 8.08
C ASP B 216 19.32 18.09 6.86
N ASP B 217 18.86 18.79 5.81
CA ASP B 217 19.63 18.94 4.59
C ASP B 217 20.86 19.81 4.81
N ILE B 218 20.70 20.91 5.55
CA ILE B 218 21.85 21.72 5.93
C ILE B 218 22.88 20.88 6.67
N LEU B 219 22.42 20.06 7.61
CA LEU B 219 23.34 19.30 8.47
C LEU B 219 24.05 18.21 7.69
N ASP B 220 23.35 17.59 6.74
CA ASP B 220 24.01 16.61 5.89
C ASP B 220 25.17 17.26 5.16
N PHE B 221 24.97 18.49 4.68
CA PHE B 221 26.04 19.17 3.97
C PHE B 221 27.18 19.52 4.91
N THR B 222 26.89 20.29 5.97
CA THR B 222 28.01 20.80 6.79
C THR B 222 28.77 19.66 7.43
N GLN B 223 28.07 18.61 7.88
CA GLN B 223 28.77 17.43 8.38
C GLN B 223 29.67 16.83 7.31
N SER B 224 29.19 16.76 6.05
CA SER B 224 30.00 16.22 4.96
C SER B 224 31.25 17.05 4.73
N ALA B 225 31.16 18.37 4.89
CA ALA B 225 32.30 19.25 4.65
C ALA B 225 33.33 19.19 5.77
N GLU B 226 33.00 18.64 6.92
CA GLU B 226 33.91 18.60 8.06
C GLU B 226 34.36 17.18 8.39
N GLN B 227 33.99 16.20 7.58
CA GLN B 227 34.34 14.82 7.87
C GLN B 227 35.63 14.44 7.15
N LEU B 228 36.27 13.40 7.65
CA LEU B 228 37.66 13.11 7.28
C LEU B 228 37.80 12.35 5.98
N GLY B 229 36.90 11.42 5.67
CA GLY B 229 36.98 10.66 4.45
C GLY B 229 36.14 11.28 3.35
N LYS B 230 36.23 10.64 2.19
CA LYS B 230 35.26 10.71 1.11
C LYS B 230 33.85 10.92 1.67
N PRO B 231 33.17 12.08 1.39
CA PRO B 231 31.75 12.24 1.74
C PRO B 231 30.82 11.48 0.78
N ALA B 232 31.19 10.22 0.48
CA ALA B 232 30.59 9.49 -0.62
C ALA B 232 29.10 9.23 -0.39
N GLY B 233 28.65 9.18 0.85
CA GLY B 233 27.25 8.96 1.16
C GLY B 233 26.44 10.21 1.44
N SER B 234 26.99 11.39 1.14
CA SER B 234 26.25 12.61 1.39
C SER B 234 25.21 12.85 0.32
N ASP B 235 24.24 13.71 0.63
CA ASP B 235 23.23 14.11 -0.34
C ASP B 235 23.86 14.57 -1.64
N LEU B 236 24.76 15.56 -1.54
CA LEU B 236 25.36 16.14 -2.73
C LEU B 236 26.08 15.08 -3.55
N ALA B 237 26.79 14.17 -2.88
CA ALA B 237 27.56 13.16 -3.60
C ALA B 237 26.67 12.23 -4.41
N LYS B 238 25.47 11.90 -3.91
CA LYS B 238 24.57 11.06 -4.68
C LYS B 238 23.68 11.85 -5.63
N GLY B 239 23.84 13.16 -5.71
CA GLY B 239 23.04 13.94 -6.63
C GLY B 239 21.73 14.44 -6.08
N ASN B 240 21.49 14.27 -4.79
CA ASN B 240 20.29 14.79 -4.14
C ASN B 240 20.57 16.25 -3.78
N LEU B 241 20.12 17.18 -4.61
CA LEU B 241 20.48 18.58 -4.49
C LEU B 241 19.48 19.29 -3.58
N THR B 242 19.96 19.79 -2.43
CA THR B 242 19.09 20.42 -1.44
C THR B 242 19.36 21.92 -1.33
N ALA B 243 18.62 22.56 -0.42
CA ALA B 243 18.61 24.01 -0.27
C ALA B 243 19.98 24.69 -0.34
N PRO B 244 20.99 24.33 0.47
CA PRO B 244 22.28 25.03 0.36
C PRO B 244 22.89 24.94 -1.03
N VAL B 245 22.77 23.79 -1.69
CA VAL B 245 23.37 23.61 -3.01
C VAL B 245 22.55 24.34 -4.07
N ILE B 246 21.23 24.32 -3.94
CA ILE B 246 20.37 25.01 -4.89
C ILE B 246 20.65 26.50 -4.87
N PHE B 247 20.78 27.08 -3.67
CA PHE B 247 21.14 28.49 -3.55
C PHE B 247 22.50 28.74 -4.16
N ALA B 248 23.50 27.94 -3.78
CA ALA B 248 24.85 28.08 -4.31
C ALA B 248 24.86 28.08 -5.84
N LEU B 249 24.09 27.18 -6.44
CA LEU B 249 24.06 27.08 -7.89
C LEU B 249 23.66 28.39 -8.55
N GLN B 250 23.00 29.29 -7.81
CA GLN B 250 22.66 30.59 -8.39
C GLN B 250 23.91 31.40 -8.71
N ASP B 251 25.00 31.23 -7.94
CA ASP B 251 26.19 32.05 -8.07
C ASP B 251 27.44 31.27 -8.46
N GLU B 252 27.33 29.97 -8.79
CA GLU B 252 28.51 29.12 -8.95
C GLU B 252 28.45 28.32 -10.26
N PRO B 253 28.88 28.92 -11.37
CA PRO B 253 28.86 28.18 -12.64
C PRO B 253 29.72 26.94 -12.64
N GLN B 254 30.86 26.94 -11.95
CA GLN B 254 31.69 25.74 -11.89
C GLN B 254 31.04 24.66 -11.03
N LEU B 255 30.29 25.05 -10.01
CA LEU B 255 29.55 24.05 -9.25
C LEU B 255 28.60 23.27 -10.15
N ARG B 256 27.84 23.97 -10.99
CA ARG B 256 26.93 23.29 -11.90
C ARG B 256 27.66 22.30 -12.78
N GLU B 257 28.77 22.72 -13.38
CA GLU B 257 29.49 21.84 -14.30
C GLU B 257 29.98 20.60 -13.57
N ILE B 258 30.46 20.77 -12.34
CA ILE B 258 31.00 19.62 -11.60
C ILE B 258 29.87 18.65 -11.23
N ILE B 259 28.73 19.18 -10.76
CA ILE B 259 27.61 18.29 -10.43
C ILE B 259 27.15 17.54 -11.67
N ASP B 260 26.94 18.27 -12.78
CA ASP B 260 26.56 17.63 -14.03
C ASP B 260 27.51 16.50 -14.41
N SER B 261 28.78 16.62 -14.08
CA SER B 261 29.74 15.56 -14.36
C SER B 261 29.64 14.39 -13.40
N GLU B 262 28.74 14.46 -12.41
CA GLU B 262 28.63 13.44 -11.37
C GLU B 262 29.98 13.18 -10.71
N PHE B 263 30.75 14.26 -10.54
CA PHE B 263 32.03 14.21 -9.82
C PHE B 263 32.97 13.19 -10.43
N SER B 264 32.93 13.06 -11.76
CA SER B 264 33.78 12.10 -12.44
C SER B 264 35.25 12.35 -12.13
N GLU B 265 35.71 13.59 -12.30
CA GLU B 265 37.10 13.93 -12.03
C GLU B 265 37.46 13.66 -10.57
N THR B 266 38.67 13.15 -10.36
CA THR B 266 39.14 12.82 -9.03
C THR B 266 39.14 14.06 -8.13
N ASN B 267 38.58 13.91 -6.93
CA ASN B 267 38.49 14.96 -5.91
C ASN B 267 37.56 16.11 -6.28
N SER B 268 36.75 15.97 -7.33
CA SER B 268 35.85 17.06 -7.67
C SER B 268 34.71 17.22 -6.68
N LEU B 269 34.33 16.13 -5.99
CA LEU B 269 33.32 16.27 -4.93
C LEU B 269 33.78 17.25 -3.86
N ALA B 270 35.05 17.11 -3.43
CA ALA B 270 35.61 18.03 -2.44
C ALA B 270 35.58 19.47 -2.95
N THR B 271 35.85 19.67 -4.22
CA THR B 271 35.79 21.00 -4.81
C THR B 271 34.37 21.56 -4.78
N ALA B 272 33.40 20.76 -5.24
CA ALA B 272 32.00 21.16 -5.18
C ALA B 272 31.58 21.55 -3.77
N ILE B 273 32.02 20.77 -2.77
CA ILE B 273 31.64 21.05 -1.39
C ILE B 273 32.18 22.40 -0.96
N GLU B 274 33.43 22.70 -1.32
CA GLU B 274 34.01 23.98 -0.93
C GLU B 274 33.37 25.14 -1.69
N LEU B 275 32.96 24.92 -2.95
CA LEU B 275 32.21 25.94 -3.66
C LEU B 275 30.89 26.24 -2.95
N VAL B 276 30.17 25.21 -2.52
CA VAL B 276 28.94 25.46 -1.76
C VAL B 276 29.27 26.21 -0.47
N HIS B 277 30.29 25.75 0.26
CA HIS B 277 30.64 26.38 1.53
C HIS B 277 30.98 27.85 1.36
N ARG B 278 31.72 28.21 0.30
CA ARG B 278 32.10 29.62 0.12
C ARG B 278 30.97 30.47 -0.46
N SER B 279 30.03 29.85 -1.16
CA SER B 279 28.85 30.56 -1.63
C SER B 279 28.06 31.10 -0.43
N GLY B 280 27.05 31.90 -0.71
CA GLY B 280 26.17 32.20 0.41
C GLY B 280 25.15 31.12 0.75
N GLY B 281 25.28 29.91 0.20
CA GLY B 281 24.14 29.01 0.15
C GLY B 281 23.70 28.48 1.51
N ILE B 282 24.65 28.15 2.38
CA ILE B 282 24.31 27.63 3.70
C ILE B 282 23.57 28.68 4.51
N LYS B 283 24.06 29.92 4.50
CA LYS B 283 23.37 30.99 5.19
C LYS B 283 21.98 31.21 4.63
N ARG B 284 21.83 31.12 3.30
CA ARG B 284 20.51 31.35 2.74
C ARG B 284 19.57 30.20 3.07
N ALA B 285 20.07 28.96 3.06
CA ALA B 285 19.26 27.83 3.49
C ALA B 285 18.86 27.96 4.95
N HIS B 286 19.80 28.38 5.82
CA HIS B 286 19.46 28.56 7.22
C HIS B 286 18.39 29.61 7.39
N GLU B 287 18.37 30.64 6.54
CA GLU B 287 17.31 31.64 6.66
C GLU B 287 16.01 31.11 6.10
N LEU B 288 16.07 30.26 5.06
CA LEU B 288 14.88 29.57 4.61
C LEU B 288 14.27 28.71 5.72
N ALA B 289 15.12 27.98 6.45
CA ALA B 289 14.61 27.19 7.57
C ALA B 289 13.97 28.08 8.62
N ARG B 290 14.54 29.26 8.84
CA ARG B 290 13.98 30.15 9.85
C ARG B 290 12.65 30.74 9.43
N GLU B 291 12.48 31.10 8.15
CA GLU B 291 11.20 31.67 7.73
C GLU B 291 10.08 30.65 7.85
N LYS B 292 10.34 29.40 7.47
CA LYS B 292 9.32 28.36 7.65
C LYS B 292 9.03 28.13 9.13
N GLY B 293 10.09 28.16 9.96
CA GLY B 293 9.89 28.05 11.40
C GLY B 293 9.02 29.17 11.95
N GLU B 294 9.25 30.40 11.48
CA GLU B 294 8.45 31.53 11.97
C GLU B 294 6.98 31.38 11.58
N ILE B 295 6.73 30.88 10.37
CA ILE B 295 5.35 30.65 9.94
C ILE B 295 4.69 29.60 10.81
N ALA B 296 5.42 28.53 11.13
CA ALA B 296 4.94 27.53 12.08
C ALA B 296 4.54 28.18 13.40
N ILE B 297 5.44 28.97 14.00
CA ILE B 297 5.17 29.57 15.30
C ILE B 297 3.96 30.48 15.23
N GLN B 298 3.84 31.24 14.14
CA GLN B 298 2.67 32.09 13.96
C GLN B 298 1.38 31.29 13.85
N SER B 299 1.45 30.07 13.30
CA SER B 299 0.27 29.23 13.17
C SER B 299 -0.29 28.81 14.51
N LEU B 300 0.53 28.84 15.57
CA LEU B 300 0.08 28.43 16.89
C LEU B 300 -0.62 29.52 17.67
N GLN B 301 -0.66 30.75 17.14
CA GLN B 301 -1.17 31.84 17.95
C GLN B 301 -2.68 31.86 18.03
N CYS B 302 -3.37 31.04 17.21
CA CYS B 302 -4.79 30.82 17.37
C CYS B 302 -5.11 29.96 18.60
N LEU B 303 -4.05 29.37 19.31
CA LEU B 303 -4.21 28.62 20.55
C LEU B 303 -3.94 29.53 21.74
N PRO B 304 -4.63 29.32 22.85
CA PRO B 304 -4.30 30.06 24.07
C PRO B 304 -3.00 29.57 24.68
N ARG B 305 -2.50 30.35 25.64
CA ARG B 305 -1.28 29.98 26.35
C ARG B 305 -1.48 28.63 27.02
N SER B 306 -0.49 27.76 26.88
CA SER B 306 -0.54 26.43 27.48
C SER B 306 0.86 25.84 27.39
N GLU B 307 1.14 24.88 28.28
CA GLU B 307 2.39 24.15 28.22
C GLU B 307 2.55 23.42 26.90
N PHE B 308 1.44 23.04 26.26
CA PHE B 308 1.50 22.36 24.97
C PHE B 308 1.85 23.34 23.86
N ARG B 309 1.23 24.53 23.86
CA ARG B 309 1.61 25.53 22.86
C ARG B 309 3.07 25.93 23.01
N SER B 310 3.53 26.12 24.25
CA SER B 310 4.93 26.48 24.48
C SER B 310 5.86 25.40 23.98
N THR B 311 5.51 24.13 24.21
CA THR B 311 6.37 23.06 23.75
C THR B 311 6.39 23.00 22.22
N LEU B 312 5.22 23.16 21.58
CA LEU B 312 5.18 23.23 20.11
C LEU B 312 6.00 24.40 19.57
N GLU B 313 5.98 25.53 20.27
CA GLU B 313 6.85 26.65 19.88
C GLU B 313 8.32 26.29 20.05
N ASN B 314 8.64 25.55 21.12
CA ASN B 314 10.02 25.19 21.42
C ASN B 314 10.59 24.17 20.44
N MET B 315 9.75 23.29 19.88
CA MET B 315 10.26 22.36 18.88
C MET B 315 10.81 23.10 17.68
N VAL B 316 10.14 24.17 17.26
CA VAL B 316 10.63 25.00 16.17
C VAL B 316 11.99 25.58 16.54
N LYS B 317 12.08 26.19 17.72
CA LYS B 317 13.35 26.78 18.16
C LYS B 317 14.44 25.73 18.27
N TYR B 318 14.15 24.61 18.92
CA TYR B 318 15.16 23.57 19.07
C TYR B 318 15.64 23.07 17.71
N ASN B 319 14.73 22.94 16.75
CA ASN B 319 15.13 22.57 15.40
C ASN B 319 16.11 23.58 14.80
N LEU B 320 15.79 24.87 14.90
CA LEU B 320 16.69 25.88 14.36
C LEU B 320 17.98 25.97 15.15
N GLU B 321 17.99 25.52 16.41
CA GLU B 321 19.20 25.57 17.21
C GLU B 321 20.21 24.49 16.83
N ARG B 322 19.78 23.44 16.14
CA ARG B 322 20.73 22.49 15.58
C ARG B 322 21.67 23.15 14.58
N ILE B 323 21.31 24.34 14.11
CA ILE B 323 22.07 25.12 13.13
C ILE B 323 22.38 24.28 11.89
S SO4 C . -27.80 2.67 -15.52
O1 SO4 C . -27.14 1.93 -16.60
O2 SO4 C . -26.81 3.35 -14.68
O3 SO4 C . -28.68 3.67 -16.11
O4 SO4 C . -28.59 1.76 -14.69
S SO4 D . -6.93 -11.64 -13.29
O1 SO4 D . -5.70 -12.07 -13.97
O2 SO4 D . -6.87 -10.21 -13.07
O3 SO4 D . -8.11 -11.98 -14.09
O4 SO4 D . -7.03 -12.32 -12.00
CAA A1L38 E . -2.90 3.74 5.60
CAB A1L38 E . -2.32 2.99 4.59
CAC A1L38 E . -3.99 4.55 5.35
CAD A1L38 E . -2.85 3.07 3.31
CAE A1L38 E . -4.51 4.63 4.07
CAF A1L38 E . -3.93 3.90 3.03
CAH A1L38 E . -2.03 1.04 2.32
CAI A1L38 E . -2.90 0.13 2.90
CAJ A1L38 E . -0.83 0.62 1.75
CAK A1L38 E . -2.56 -1.22 2.92
CAL A1L38 E . -0.48 -0.71 1.76
CAM A1L38 E . -1.35 -1.64 2.34
NAO A1L38 E . 0.79 -1.10 1.15
NAP A1L38 E . -1.07 -2.93 2.33
OAG A1L38 E . -2.28 2.39 2.23
OAQ A1L38 E . -1.92 -3.84 2.81
OAR A1L38 E . 0.05 -3.38 1.74
CLAN A1L38 E . 0.24 1.83 1.01
#